data_6Y8K
#
_entry.id   6Y8K
#
_cell.length_a   122.470
_cell.length_b   122.470
_cell.length_c   122.470
_cell.angle_alpha   90.000
_cell.angle_beta   90.000
_cell.angle_gamma   90.000
#
_symmetry.space_group_name_H-M   'P 42 3 2'
#
loop_
_entity.id
_entity.type
_entity.pdbx_description
1 polymer 'Tumor necrosis factor receptor superfamily member 9'
2 polymer BCY10916
3 non-polymer 'ACETATE ION'
4 non-polymer 1,2-ETHANEDIOL
5 non-polymer 'SULFATE ION'
6 non-polymer 'SODIUM ION'
7 non-polymer "1,1',1''-(1,3,5-triazinane-1,3,5-triyl)tripropan-1-one"
8 water water
#
loop_
_entity_poly.entity_id
_entity_poly.type
_entity_poly.pdbx_seq_one_letter_code
_entity_poly.pdbx_strand_id
1 'polypeptide(L)'
;MVSAIVLYVLLAAAAHSAFALQDPCSNCPAGTFCDNNRNQICSPCPPNSFSSAGGQRTCDICRQCKGVFRTRKECSSTSN
AECDCTPGFHCLGAGCSMCEQDCKQGQELTKKGCKDCSFGTFNDQKRGICRPWTDCSLDGKSVLVDGTKERDVVCGPGSH
HHHHH
;
AAA
2 'polypeptide(L)' CIEEGQYCFADPY(NLE)C PPP
#
loop_
_chem_comp.id
_chem_comp.type
_chem_comp.name
_chem_comp.formula
29N non-polymer 1,1',1''-(1,3,5-triazinane-1,3,5-triyl)tripropan-1-one 'C12 H21 N3 O3'
ACT non-polymer 'ACETATE ION' 'C2 H3 O2 -1'
EDO non-polymer 1,2-ETHANEDIOL 'C2 H6 O2'
NA non-polymer 'SODIUM ION' 'Na 1'
SO4 non-polymer 'SULFATE ION' 'O4 S -2'
#
# COMPACT_ATOMS: atom_id res chain seq x y z
N ASP A 23 37.13 -9.81 -1.41
CA ASP A 23 38.09 -9.62 -0.26
C ASP A 23 38.66 -8.20 -0.30
N PRO A 24 39.41 -7.77 -1.33
CA PRO A 24 39.95 -6.40 -1.32
C PRO A 24 38.77 -5.45 -1.06
N CYS A 25 37.63 -5.78 -1.70
CA CYS A 25 36.39 -4.97 -1.77
C CYS A 25 35.66 -4.91 -0.44
N SER A 26 35.88 -5.88 0.46
CA SER A 26 35.03 -6.01 1.68
C SER A 26 35.15 -4.72 2.51
N ASN A 27 36.20 -3.94 2.28
CA ASN A 27 36.43 -2.65 3.00
C ASN A 27 35.66 -1.52 2.31
N CYS A 28 35.51 -1.54 0.97
CA CYS A 28 34.59 -0.61 0.27
C CYS A 28 33.34 -0.61 1.14
N PRO A 29 32.98 0.52 1.80
CA PRO A 29 31.86 0.55 2.73
C PRO A 29 30.53 0.98 2.07
N ALA A 30 29.42 0.77 2.78
CA ALA A 30 28.08 1.17 2.32
C ALA A 30 28.25 2.60 1.80
N GLY A 31 27.57 2.98 0.72
CA GLY A 31 27.77 4.27 0.03
C GLY A 31 28.69 4.13 -1.16
N THR A 32 29.31 2.97 -1.33
CA THR A 32 30.27 2.77 -2.43
C THR A 32 30.14 1.37 -2.97
N PHE A 33 30.77 1.16 -4.13
CA PHE A 33 31.01 -0.15 -4.80
C PHE A 33 32.48 -0.24 -5.18
N CYS A 34 32.87 -1.38 -5.74
CA CYS A 34 34.24 -1.85 -6.00
C CYS A 34 34.42 -2.14 -7.51
N ASP A 35 35.58 -1.84 -8.12
CA ASP A 35 35.96 -2.17 -9.54
C ASP A 35 37.33 -1.59 -9.92
N ILE A 41 39.65 1.70 -6.13
CA ILE A 41 38.55 1.19 -7.01
C ILE A 41 37.22 1.16 -6.22
N CYS A 42 37.16 1.64 -4.96
CA CYS A 42 35.92 1.96 -4.19
C CYS A 42 35.30 3.31 -4.61
N SER A 43 34.72 3.38 -5.81
CA SER A 43 33.99 4.57 -6.32
C SER A 43 32.68 4.70 -5.54
N PRO A 44 32.34 5.89 -4.97
CA PRO A 44 31.10 6.02 -4.20
C PRO A 44 29.92 5.83 -5.16
N CYS A 45 28.68 5.70 -4.66
CA CYS A 45 27.50 5.39 -5.50
C CYS A 45 27.22 6.57 -6.43
N PRO A 46 26.90 6.31 -7.71
CA PRO A 46 26.48 7.38 -8.61
C PRO A 46 25.28 8.15 -8.05
N PRO A 47 24.90 9.28 -8.68
CA PRO A 47 23.61 9.89 -8.41
C PRO A 47 22.48 8.84 -8.50
N ASN A 48 21.44 9.04 -7.68
CA ASN A 48 20.16 8.29 -7.74
C ASN A 48 20.47 6.79 -7.67
N SER A 49 21.44 6.44 -6.81
CA SER A 49 21.92 5.04 -6.60
C SER A 49 22.34 4.92 -5.13
N PHE A 50 22.34 3.72 -4.55
CA PHE A 50 22.58 3.52 -3.09
C PHE A 50 23.21 2.15 -2.90
N SER A 51 23.92 1.92 -1.79
CA SER A 51 24.45 0.58 -1.43
C SER A 51 24.27 0.40 0.08
N SER A 52 23.51 -0.63 0.44
CA SER A 52 22.87 -0.77 1.76
C SER A 52 23.92 -1.30 2.76
N ALA A 53 24.91 -2.04 2.27
CA ALA A 53 25.99 -2.67 3.07
C ALA A 53 27.38 -2.46 2.41
N GLY A 54 28.46 -2.72 3.14
CA GLY A 54 29.81 -2.66 2.52
C GLY A 54 30.00 -3.88 1.65
N GLY A 55 31.04 -3.94 0.80
CA GLY A 55 31.41 -5.16 0.05
C GLY A 55 30.75 -5.27 -1.33
N GLN A 56 29.90 -4.34 -1.70
CA GLN A 56 29.08 -4.51 -2.92
C GLN A 56 29.95 -4.22 -4.15
N ARG A 57 29.71 -4.98 -5.21
CA ARG A 57 30.33 -4.84 -6.54
C ARG A 57 29.41 -3.96 -7.40
N THR A 58 28.40 -3.32 -6.80
CA THR A 58 27.49 -2.37 -7.49
C THR A 58 26.47 -1.78 -6.52
N CYS A 59 25.98 -0.56 -6.80
CA CYS A 59 24.92 0.19 -6.06
C CYS A 59 23.60 -0.03 -6.80
N ASP A 60 22.48 -0.23 -6.09
CA ASP A 60 21.13 -0.37 -6.70
C ASP A 60 20.57 0.99 -7.05
N ILE A 61 19.84 1.07 -8.16
CA ILE A 61 19.11 2.32 -8.55
C ILE A 61 18.01 2.59 -7.51
N CYS A 62 17.85 3.84 -7.15
CA CYS A 62 16.82 4.32 -6.18
C CYS A 62 15.44 4.19 -6.82
N ARG A 63 14.47 3.60 -6.12
CA ARG A 63 13.04 3.83 -6.45
C ARG A 63 12.85 5.34 -6.58
N GLN A 64 12.06 5.80 -7.55
CA GLN A 64 11.54 7.20 -7.61
C GLN A 64 10.02 7.15 -7.41
N CYS A 65 9.48 8.13 -6.70
CA CYS A 65 8.05 8.26 -6.36
C CYS A 65 7.41 9.20 -7.38
N LYS A 66 6.73 8.65 -8.39
CA LYS A 66 6.14 9.41 -9.52
C LYS A 66 4.60 9.31 -9.46
N GLY A 67 3.96 10.18 -10.23
CA GLY A 67 2.49 10.29 -10.32
C GLY A 67 1.88 10.29 -8.94
N VAL A 68 1.14 9.24 -8.61
CA VAL A 68 0.25 9.26 -7.41
C VAL A 68 1.10 8.93 -6.18
N PHE A 69 2.28 8.35 -6.40
CA PHE A 69 3.25 8.03 -5.34
C PHE A 69 3.94 9.32 -4.91
N ARG A 70 3.87 9.62 -3.62
CA ARG A 70 4.56 10.77 -3.00
C ARG A 70 5.78 10.24 -2.25
N THR A 71 6.81 11.08 -2.13
CA THR A 71 8.10 10.74 -1.47
C THR A 71 7.92 10.84 0.05
N ARG A 72 8.11 9.74 0.78
CA ARG A 72 8.02 9.71 2.27
C ARG A 72 9.43 9.88 2.85
N LYS A 73 10.43 9.25 2.22
CA LYS A 73 11.86 9.38 2.56
C LYS A 73 12.65 9.42 1.25
N GLU A 74 13.45 10.47 1.08
CA GLU A 74 14.38 10.70 -0.07
C GLU A 74 15.38 9.53 -0.17
N CYS A 75 15.85 9.18 -1.38
CA CYS A 75 16.97 8.22 -1.50
C CYS A 75 18.23 8.84 -0.84
N SER A 76 19.03 8.01 -0.17
CA SER A 76 20.39 8.33 0.33
C SER A 76 21.38 7.33 -0.29
N SER A 77 22.67 7.51 -0.06
CA SER A 77 23.77 6.67 -0.63
C SER A 77 23.70 5.28 -0.02
N THR A 78 23.08 5.14 1.15
CA THR A 78 22.96 3.81 1.80
C THR A 78 21.50 3.34 2.03
N SER A 79 20.46 4.13 1.71
CA SER A 79 19.03 3.74 1.89
C SER A 79 18.20 4.16 0.68
N ASN A 80 17.32 3.25 0.24
CA ASN A 80 16.33 3.46 -0.84
C ASN A 80 15.32 4.54 -0.47
N ALA A 81 14.79 5.20 -1.50
CA ALA A 81 13.63 6.11 -1.38
C ALA A 81 12.44 5.28 -0.90
N GLU A 82 11.58 5.89 -0.10
CA GLU A 82 10.28 5.32 0.34
C GLU A 82 9.15 6.22 -0.16
N CYS A 83 8.07 5.61 -0.67
CA CYS A 83 6.88 6.28 -1.23
C CYS A 83 5.64 5.90 -0.38
N ASP A 84 4.78 6.88 -0.13
CA ASP A 84 3.34 6.66 0.26
C ASP A 84 2.48 7.14 -0.92
N CYS A 85 1.19 7.49 -0.71
CA CYS A 85 0.27 7.95 -1.80
C CYS A 85 -0.28 9.35 -1.53
N THR A 86 -0.60 10.13 -2.58
CA THR A 86 -1.25 11.47 -2.47
C THR A 86 -2.61 11.29 -1.81
N PRO A 87 -3.11 12.29 -1.06
CA PRO A 87 -4.41 12.19 -0.41
C PRO A 87 -5.51 11.80 -1.42
N GLY A 88 -6.45 10.94 -1.00
CA GLY A 88 -7.49 10.35 -1.87
C GLY A 88 -7.12 8.96 -2.34
N PHE A 89 -5.85 8.56 -2.15
CA PHE A 89 -5.36 7.17 -2.34
C PHE A 89 -4.74 6.68 -1.02
N HIS A 90 -4.46 5.38 -0.96
CA HIS A 90 -3.88 4.64 0.19
C HIS A 90 -3.00 3.50 -0.35
N CYS A 91 -2.08 3.01 0.49
CA CYS A 91 -0.96 2.13 0.07
C CYS A 91 -1.44 0.70 0.09
N LEU A 92 -1.09 -0.06 -0.93
CA LEU A 92 -1.20 -1.54 -0.91
C LEU A 92 0.19 -2.08 -1.19
N GLY A 93 0.46 -3.28 -0.67
CA GLY A 93 1.62 -4.12 -0.95
C GLY A 93 2.76 -3.75 -0.02
N ALA A 94 3.58 -4.74 0.29
CA ALA A 94 4.95 -4.59 0.87
C ALA A 94 5.59 -3.30 0.30
N GLY A 95 5.76 -2.32 1.20
CA GLY A 95 6.54 -1.10 0.97
C GLY A 95 5.77 -0.17 0.08
N CYS A 96 4.44 -0.32 0.07
CA CYS A 96 3.56 0.58 -0.68
C CYS A 96 3.87 0.57 -2.18
N SER A 97 3.87 -0.64 -2.75
CA SER A 97 4.03 -0.94 -4.19
C SER A 97 2.84 -0.45 -5.04
N MET A 98 1.70 -0.11 -4.43
CA MET A 98 0.49 0.35 -5.18
C MET A 98 -0.28 1.43 -4.39
N CYS A 99 -0.86 2.38 -5.13
CA CYS A 99 -1.79 3.39 -4.59
C CYS A 99 -3.20 3.10 -5.15
N GLU A 100 -4.13 2.91 -4.23
CA GLU A 100 -5.50 2.38 -4.47
C GLU A 100 -6.47 3.47 -4.01
N GLN A 101 -7.34 3.93 -4.92
CA GLN A 101 -8.21 5.07 -4.60
C GLN A 101 -9.06 4.72 -3.37
N ASP A 102 -9.25 5.72 -2.50
CA ASP A 102 -10.09 5.67 -1.31
C ASP A 102 -11.57 5.60 -1.77
N CYS A 103 -12.44 5.14 -0.90
CA CYS A 103 -13.91 5.37 -1.05
C CYS A 103 -14.39 5.88 0.31
N LYS A 104 -15.70 6.10 0.46
CA LYS A 104 -16.34 6.50 1.74
C LYS A 104 -16.82 5.26 2.48
N GLN A 105 -16.90 5.33 3.80
CA GLN A 105 -17.65 4.36 4.61
C GLN A 105 -18.96 4.11 3.89
N GLY A 106 -19.44 2.86 3.78
CA GLY A 106 -20.70 2.57 3.06
C GLY A 106 -20.46 2.42 1.57
N GLN A 107 -19.20 2.37 1.16
CA GLN A 107 -18.87 2.04 -0.25
C GLN A 107 -17.78 0.98 -0.28
N GLU A 108 -17.53 0.48 -1.47
CA GLU A 108 -16.43 -0.44 -1.80
C GLU A 108 -15.90 -0.01 -3.14
N LEU A 109 -14.58 -0.06 -3.34
CA LEU A 109 -13.96 0.22 -4.64
C LEU A 109 -14.18 -0.95 -5.60
N THR A 110 -14.42 -0.68 -6.88
CA THR A 110 -14.62 -1.71 -7.94
C THR A 110 -13.77 -1.30 -9.14
N LYS A 111 -13.63 -2.21 -10.11
CA LYS A 111 -12.98 -1.88 -11.41
C LYS A 111 -13.72 -0.71 -12.06
N LYS A 112 -14.91 -0.32 -11.59
CA LYS A 112 -15.63 0.84 -12.18
C LYS A 112 -15.78 1.95 -11.16
N GLY A 113 -15.08 1.90 -10.03
CA GLY A 113 -15.02 3.02 -9.08
C GLY A 113 -15.76 2.71 -7.81
N CYS A 114 -15.93 3.70 -6.94
CA CYS A 114 -16.62 3.54 -5.65
C CYS A 114 -18.09 3.22 -5.95
N LYS A 115 -18.61 2.11 -5.40
CA LYS A 115 -20.06 1.76 -5.41
C LYS A 115 -20.55 1.71 -3.96
N ASP A 116 -21.73 2.25 -3.68
CA ASP A 116 -22.42 2.06 -2.38
C ASP A 116 -22.58 0.56 -2.12
N CYS A 117 -22.41 0.14 -0.87
CA CYS A 117 -22.69 -1.20 -0.33
C CYS A 117 -24.14 -1.59 -0.69
N SER A 118 -24.39 -2.82 -1.11
CA SER A 118 -25.75 -3.30 -1.41
C SER A 118 -26.44 -3.53 -0.07
N PHE A 119 -27.76 -3.46 0.00
CA PHE A 119 -28.49 -3.67 1.27
C PHE A 119 -28.09 -5.05 1.80
N GLY A 120 -27.93 -5.19 3.12
CA GLY A 120 -27.37 -6.40 3.73
C GLY A 120 -25.88 -6.30 4.08
N THR A 121 -25.17 -5.38 3.45
CA THR A 121 -23.68 -5.30 3.53
C THR A 121 -23.24 -3.92 3.99
N PHE A 122 -22.06 -3.87 4.63
CA PHE A 122 -21.52 -2.66 5.31
C PHE A 122 -20.00 -2.61 5.10
N ASN A 123 -19.49 -1.40 4.99
CA ASN A 123 -18.03 -1.09 5.11
C ASN A 123 -17.80 0.10 6.06
N ASP A 124 -17.07 -0.13 7.15
CA ASP A 124 -16.72 0.93 8.16
C ASP A 124 -15.36 1.63 7.86
N GLN A 125 -14.66 1.31 6.76
CA GLN A 125 -13.32 1.84 6.38
C GLN A 125 -13.46 2.55 5.03
N LYS A 126 -12.43 3.31 4.60
CA LYS A 126 -12.34 4.01 3.29
C LYS A 126 -11.68 3.10 2.26
N ARG A 127 -11.46 1.85 2.65
CA ARG A 127 -10.90 0.79 1.79
C ARG A 127 -11.60 -0.54 2.07
N GLY A 128 -11.33 -1.48 1.16
CA GLY A 128 -11.74 -2.89 1.28
C GLY A 128 -13.18 -3.06 0.76
N ILE A 129 -13.81 -4.21 0.99
CA ILE A 129 -15.14 -4.52 0.40
C ILE A 129 -16.26 -4.36 1.44
N CYS A 130 -17.48 -4.23 0.93
CA CYS A 130 -18.69 -4.37 1.78
C CYS A 130 -18.73 -5.84 2.19
N ARG A 131 -18.97 -6.06 3.46
CA ARG A 131 -19.04 -7.37 4.13
C ARG A 131 -20.49 -7.58 4.54
N PRO A 132 -21.03 -8.82 4.47
CA PRO A 132 -22.41 -9.04 4.89
C PRO A 132 -22.59 -8.77 6.39
N TRP A 133 -23.70 -8.19 6.79
CA TRP A 133 -24.08 -8.13 8.23
C TRP A 133 -23.90 -9.50 8.87
N THR A 134 -23.75 -9.50 10.20
CA THR A 134 -23.80 -10.72 11.01
C THR A 134 -25.21 -11.28 10.92
N ASP A 135 -25.35 -12.61 10.89
CA ASP A 135 -26.62 -13.35 11.03
C ASP A 135 -26.80 -13.75 12.48
N CYS A 136 -27.53 -12.93 13.25
CA CYS A 136 -27.82 -13.21 14.69
C CYS A 136 -28.63 -14.52 14.86
N SER A 137 -29.51 -14.88 13.92
CA SER A 137 -30.34 -16.12 14.02
C SER A 137 -29.44 -17.33 14.19
N LEU A 138 -28.42 -17.41 13.33
CA LEU A 138 -27.45 -18.51 13.29
C LEU A 138 -26.94 -18.80 14.70
N ASP A 139 -26.55 -17.79 15.47
CA ASP A 139 -25.95 -17.98 16.81
C ASP A 139 -27.08 -17.97 17.85
N GLY A 140 -28.31 -18.15 17.35
CA GLY A 140 -29.55 -18.23 18.15
C GLY A 140 -29.85 -16.94 18.89
N LYS A 141 -29.78 -15.79 18.21
CA LYS A 141 -29.93 -14.44 18.84
C LYS A 141 -30.77 -13.53 17.95
N SER A 142 -31.38 -12.50 18.53
CA SER A 142 -32.14 -11.49 17.75
C SER A 142 -31.19 -10.33 17.43
N VAL A 143 -31.50 -9.62 16.36
CA VAL A 143 -30.92 -8.31 15.98
C VAL A 143 -31.27 -7.31 17.09
N LEU A 144 -30.33 -7.01 18.00
CA LEU A 144 -30.51 -5.95 19.01
C LEU A 144 -30.56 -4.60 18.28
N VAL A 145 -29.60 -4.32 17.38
CA VAL A 145 -29.70 -3.09 16.55
C VAL A 145 -29.41 -3.35 15.07
N ASP A 146 -30.33 -2.87 14.23
CA ASP A 146 -30.31 -2.94 12.75
C ASP A 146 -28.95 -2.42 12.26
N GLY A 147 -28.48 -2.95 11.15
CA GLY A 147 -27.21 -2.53 10.53
C GLY A 147 -27.45 -1.34 9.63
N THR A 148 -26.40 -0.87 8.96
CA THR A 148 -26.44 0.25 8.00
C THR A 148 -25.43 -0.10 6.94
N LYS A 149 -25.17 0.81 6.00
CA LYS A 149 -24.12 0.62 4.97
C LYS A 149 -22.74 0.93 5.57
N GLU A 150 -22.67 1.38 6.83
CA GLU A 150 -21.37 1.69 7.55
C GLU A 150 -21.17 0.80 8.77
N ARG A 151 -22.22 0.23 9.36
CA ARG A 151 -22.13 -0.52 10.63
C ARG A 151 -22.82 -1.88 10.53
N ASP A 152 -22.22 -2.86 11.19
CA ASP A 152 -22.82 -4.22 11.28
C ASP A 152 -24.00 -4.14 12.24
N VAL A 153 -24.96 -5.06 12.09
CA VAL A 153 -26.03 -5.25 13.09
C VAL A 153 -25.34 -5.61 14.39
N VAL A 154 -26.06 -5.56 15.51
CA VAL A 154 -25.61 -6.00 16.86
C VAL A 154 -26.66 -6.99 17.33
N CYS A 155 -26.25 -8.16 17.84
CA CYS A 155 -27.13 -9.28 18.23
C CYS A 155 -27.35 -9.21 19.75
N GLY A 156 -28.53 -9.64 20.26
CA GLY A 156 -28.86 -9.69 21.70
C GLY A 156 -28.94 -11.10 22.29
N PRO A 157 -27.91 -11.60 23.03
CA PRO A 157 -27.93 -12.95 23.60
C PRO A 157 -28.96 -13.06 24.73
N CYS B 1 -9.18 -6.78 -4.20
CA CYS B 1 -8.16 -6.32 -5.18
C CYS B 1 -8.88 -5.93 -6.45
N ILE B 2 -8.41 -4.87 -7.12
CA ILE B 2 -8.92 -4.53 -8.47
C ILE B 2 -7.71 -4.48 -9.38
N GLU B 3 -7.96 -4.57 -10.66
CA GLU B 3 -6.95 -4.47 -11.72
C GLU B 3 -6.23 -3.14 -11.60
N GLU B 4 -4.97 -3.14 -12.00
CA GLU B 4 -4.26 -1.89 -12.28
C GLU B 4 -5.08 -1.10 -13.29
N GLY B 5 -5.25 0.20 -13.05
CA GLY B 5 -5.92 1.17 -13.93
C GLY B 5 -6.11 2.47 -13.18
N GLN B 6 -7.10 3.26 -13.61
CA GLN B 6 -7.38 4.63 -13.14
C GLN B 6 -7.80 4.60 -11.66
N TYR B 7 -8.01 3.43 -11.06
CA TYR B 7 -8.43 3.36 -9.62
C TYR B 7 -7.34 2.70 -8.77
N CYS B 8 -6.30 2.15 -9.40
CA CYS B 8 -5.20 1.46 -8.68
C CYS B 8 -3.94 1.52 -9.53
N PHE B 9 -2.86 2.09 -8.97
CA PHE B 9 -1.57 2.30 -9.68
C PHE B 9 -0.50 1.39 -9.07
N ALA B 10 0.28 0.76 -9.96
CA ALA B 10 1.39 -0.16 -9.64
C ALA B 10 2.71 0.60 -9.85
N ASP B 11 3.56 0.63 -8.82
CA ASP B 11 4.94 1.16 -8.94
C ASP B 11 5.78 0.02 -9.50
N PRO B 12 6.18 0.09 -10.79
CA PRO B 12 6.82 -1.07 -11.43
C PRO B 12 8.24 -1.37 -10.92
N TYR B 13 8.83 -0.46 -10.14
CA TYR B 13 10.06 -0.71 -9.34
C TYR B 13 9.79 -1.82 -8.35
N NLE B 14 8.56 -1.79 -7.78
CA NLE B 14 8.14 -2.74 -6.77
C NLE B 14 7.48 -3.95 -7.40
O NLE B 14 7.66 -5.06 -6.94
CB NLE B 14 7.23 -2.02 -5.78
CG NLE B 14 7.76 -0.67 -5.29
CD NLE B 14 8.96 -0.83 -4.36
CE NLE B 14 8.62 -1.36 -2.96
H NLE B 14 7.92 -1.07 -8.08
HA NLE B 14 8.94 -3.05 -6.28
HB2 NLE B 14 7.08 -2.60 -5.01
HB3 NLE B 14 6.36 -1.88 -6.22
HG2 NLE B 14 7.04 -0.21 -4.82
HG3 NLE B 14 8.05 -0.15 -6.07
HD2 NLE B 14 9.41 0.04 -4.25
HD3 NLE B 14 9.61 -1.45 -4.77
HE1 NLE B 14 9.43 -1.43 -2.43
HE2 NLE B 14 8.20 -2.24 -3.04
HE3 NLE B 14 8.00 -0.75 -2.52
N CYS B 15 6.72 -3.71 -8.50
CA CYS B 15 5.81 -4.70 -9.04
C CYS B 15 6.48 -5.40 -10.22
C ACT C . -9.20 3.88 6.13
O ACT C . -8.83 2.73 6.27
OXT ACT C . -10.30 4.30 6.54
CH3 ACT C . -8.25 4.87 5.42
H1 ACT C . -7.43 4.42 5.18
H2 ACT C . -8.05 5.61 6.02
H3 ACT C . -8.68 5.22 4.62
C1 EDO D . -14.35 2.07 0.80
O1 EDO D . -14.72 2.22 2.18
C2 EDO D . -13.83 0.70 0.43
O2 EDO D . -13.14 0.55 -0.81
H11 EDO D . -13.64 2.71 0.59
H12 EDO D . -15.14 2.23 0.25
HO1 EDO D . -14.99 3.01 2.32
H21 EDO D . -14.59 0.08 0.37
H22 EDO D . -13.20 0.40 1.12
HO2 EDO D . -13.11 1.31 -1.20
S SO4 E . -1.88 4.78 3.39
O1 SO4 E . -2.20 3.40 3.64
O2 SO4 E . -1.02 5.26 4.46
O3 SO4 E . -1.19 4.92 2.13
O4 SO4 E . -3.08 5.58 3.37
S SO4 F . -19.82 6.59 16.38
O1 SO4 F . -20.31 5.26 16.10
O2 SO4 F . -18.48 6.71 15.88
O3 SO4 F . -20.67 7.57 15.74
O4 SO4 F . -19.84 6.83 17.81
S SO4 G . -27.80 2.86 5.27
O1 SO4 G . -27.76 1.42 5.30
O2 SO4 G . -26.50 3.38 5.64
O3 SO4 G . -28.14 3.30 3.94
O4 SO4 G . -28.79 3.32 6.21
NA NA H . 16.74 0.43 2.21
N1 29N I . -2.23 -4.82 -9.14
C2 29N I . -1.10 -5.54 -9.73
N3 29N I . -0.59 -6.30 -8.60
C4 29N I . -1.58 -7.29 -8.16
N5 29N I . -2.71 -6.55 -7.58
C6 29N I . -3.28 -5.74 -8.65
C7 29N I . -2.25 -3.48 -9.01
C8 29N I . -3.40 -2.85 -8.28
O9 29N I . -1.33 -2.79 -9.43
C10 29N I . -3.02 -6.52 -6.26
C11 29N I . -4.08 -5.58 -5.76
O12 29N I . -2.41 -7.20 -5.46
C13 29N I . 0.54 -6.06 -7.90
C14 29N I . 1.46 -4.95 -8.40
O15 29N I . 0.77 -6.72 -6.90
C16 29N I . -3.30 -1.34 -8.13
C19 29N I . -4.94 -6.19 -4.66
C25 29N I . 2.59 -4.49 -7.49
H1 29N I . -0.46 -4.91 -10.07
H2 29N I . -1.41 -6.10 -10.44
H3 29N I . -1.90 -7.82 -8.90
H4 29N I . -1.21 -7.88 -7.49
H5 29N I . -4.03 -5.24 -8.31
H6 29N I . -3.57 -6.31 -9.36
H7 29N I . -3.46 -3.24 -7.38
H8 29N I . -4.23 -3.06 -8.73
H9 29N I . -3.65 -4.78 -5.41
H10 29N I . -4.65 -5.31 -6.50
H11 29N I . 0.92 -4.14 -8.56
H12 29N I . 1.90 -5.23 -9.22
H13 29N I . -3.33 -0.92 -9.03
H14 29N I . -2.51 -1.10 -7.60
H16 29N I . -4.39 -6.40 -3.87
H17 29N I . -5.43 -6.96 -5.01
H19 29N I . 3.22 -5.22 -7.35
H20 29N I . 2.22 -4.11 -6.67
#